data_8CBV
#
_entry.id   8CBV
#
_cell.length_a   53.275
_cell.length_b   65.083
_cell.length_c   70.588
_cell.angle_alpha   90.000
_cell.angle_beta   101.641
_cell.angle_gamma   90.000
#
_symmetry.space_group_name_H-M   'P 1 21 1'
#
loop_
_entity.id
_entity.type
_entity.pdbx_description
1 polymer Integrase
2 non-polymer 1,2-ETHANEDIOL
3 non-polymer DI(HYDROXYETHYL)ETHER
4 non-polymer '(2~{S})-2-[3-cyclopropyl-2-(8-fluoranyl-5-methyl-3,4-dihydro-2~{H}-chromen-6-yl)-6-methyl-phenyl]-2-cyclopropyloxy-ethanoic acid'
5 non-polymer 'MAGNESIUM ION'
6 non-polymer 'CHLORIDE ION'
7 water water
#
_entity_poly.entity_id   1
_entity_poly.type   'polypeptide(L)'
_entity_poly.pdbx_seq_one_letter_code
;SIQNFRVYYRDSRDPVWKGPAKLLEKGEGAVVIQDNSDIKVVPRRKAKIIRDYGKQMAGDDCVASRQDEDMHGQVDCSPG
IWQLDCTHLEGKVILVAVHVASGYIEAEVIPAETGQETAYFLLKLAGRWPVKTVHTDNGSNFTSTTVKAACWWAGIKQEF
GIPYNPQSQGVIESMNKELKKIIGQVRDQAEHLKTAVQMAVFIHNKKRKGGIGGYSAGERIVDIIATDIQTKE
;
_entity_poly.pdbx_strand_id   A,B,C,D
#
# COMPACT_ATOMS: atom_id res chain seq x y z
N ASN A 4 28.03 -0.82 -9.11
CA ASN A 4 27.25 -1.80 -8.37
C ASN A 4 26.70 -1.18 -7.09
N PHE A 5 27.59 -0.61 -6.29
CA PHE A 5 27.20 0.18 -5.12
C PHE A 5 27.28 1.66 -5.45
N ARG A 6 26.33 2.41 -4.90
CA ARG A 6 26.36 3.86 -4.88
C ARG A 6 26.37 4.32 -3.45
N VAL A 7 27.12 5.37 -3.16
CA VAL A 7 27.11 6.00 -1.85
C VAL A 7 26.47 7.35 -1.99
N TYR A 8 25.42 7.59 -1.21
CA TYR A 8 24.89 8.93 -1.04
C TYR A 8 25.31 9.42 0.33
N TYR A 9 25.54 10.72 0.43
CA TYR A 9 26.16 11.25 1.63
C TYR A 9 25.83 12.72 1.76
N ARG A 10 26.00 13.23 2.98
CA ARG A 10 25.83 14.65 3.26
C ARG A 10 27.13 15.23 3.79
N ASP A 11 27.30 16.52 3.60
CA ASP A 11 28.46 17.25 4.11
C ASP A 11 28.14 17.98 5.41
N ASP A 14 24.99 21.17 4.68
CA ASP A 14 24.10 21.04 3.52
C ASP A 14 23.25 19.79 3.63
N PRO A 15 21.93 19.98 3.79
CA PRO A 15 21.04 18.84 4.06
C PRO A 15 20.64 18.02 2.84
N VAL A 16 21.00 18.44 1.63
CA VAL A 16 20.65 17.66 0.45
C VAL A 16 21.61 16.49 0.30
N TRP A 17 21.08 15.34 -0.08
CA TRP A 17 21.91 14.14 -0.21
C TRP A 17 22.70 14.21 -1.50
N LYS A 18 24.01 14.02 -1.40
CA LYS A 18 24.90 14.11 -2.54
C LYS A 18 25.23 12.72 -3.07
N GLY A 19 25.77 12.70 -4.27
CA GLY A 19 26.10 11.45 -4.91
C GLY A 19 25.30 11.22 -6.17
N PRO A 20 25.37 9.99 -6.70
CA PRO A 20 26.09 8.84 -6.16
C PRO A 20 27.61 8.94 -6.28
N ALA A 21 28.32 8.35 -5.33
CA ALA A 21 29.77 8.30 -5.31
C ALA A 21 30.21 6.85 -5.25
N LYS A 22 31.46 6.60 -5.65
CA LYS A 22 31.99 5.25 -5.63
C LYS A 22 32.40 4.85 -4.22
N LEU A 23 32.02 3.65 -3.81
CA LEU A 23 32.46 3.14 -2.51
C LEU A 23 33.86 2.57 -2.63
N LEU A 24 34.77 3.03 -1.76
CA LEU A 24 36.11 2.47 -1.71
C LEU A 24 36.36 1.64 -0.45
N GLU A 25 35.92 2.12 0.71
CA GLU A 25 36.06 1.37 1.94
C GLU A 25 34.93 1.71 2.89
N LYS A 26 34.33 0.68 3.49
CA LYS A 26 33.32 0.86 4.53
C LYS A 26 33.93 0.45 5.86
N GLY A 27 34.24 1.43 6.71
CA GLY A 27 34.55 1.16 8.09
C GLY A 27 33.33 1.35 8.97
N GLU A 28 33.48 1.02 10.25
CA GLU A 28 32.38 1.24 11.18
C GLU A 28 32.26 2.70 11.61
N GLY A 29 33.31 3.49 11.44
CA GLY A 29 33.25 4.88 11.84
C GLY A 29 33.21 5.85 10.68
N ALA A 30 33.71 5.42 9.52
CA ALA A 30 33.81 6.33 8.39
C ALA A 30 33.89 5.53 7.10
N VAL A 31 33.48 6.17 6.00
N VAL A 31 33.55 6.21 6.01
CA VAL A 31 33.52 5.55 4.69
CA VAL A 31 33.48 5.60 4.68
C VAL A 31 34.45 6.36 3.81
C VAL A 31 34.40 6.37 3.75
N VAL A 32 35.24 5.66 3.01
CA VAL A 32 36.07 6.28 1.97
C VAL A 32 35.35 6.12 0.64
N ILE A 33 35.17 7.24 -0.07
CA ILE A 33 34.43 7.25 -1.32
C ILE A 33 35.17 8.12 -2.32
N GLN A 34 34.74 8.03 -3.57
CA GLN A 34 35.21 8.92 -4.63
C GLN A 34 34.01 9.50 -5.35
N ASP A 35 33.98 10.82 -5.49
CA ASP A 35 32.87 11.52 -6.14
C ASP A 35 33.47 12.56 -7.07
N ASN A 36 33.40 12.28 -8.37
CA ASN A 36 33.91 13.20 -9.39
C ASN A 36 35.37 13.54 -9.13
N SER A 37 36.20 12.48 -9.14
CA SER A 37 37.65 12.56 -9.08
C SER A 37 38.19 12.90 -7.69
N ASP A 38 37.30 13.24 -6.76
CA ASP A 38 37.70 13.63 -5.41
C ASP A 38 37.56 12.44 -4.47
N ILE A 39 38.59 12.18 -3.66
CA ILE A 39 38.52 11.18 -2.63
C ILE A 39 38.05 11.85 -1.34
N LYS A 40 36.98 11.31 -0.78
CA LYS A 40 36.37 11.88 0.40
C LYS A 40 36.24 10.79 1.46
N VAL A 41 36.38 11.20 2.72
CA VAL A 41 36.14 10.37 3.88
C VAL A 41 34.96 11.00 4.61
N VAL A 42 33.89 10.23 4.78
CA VAL A 42 32.63 10.71 5.36
C VAL A 42 32.27 9.84 6.57
N PRO A 43 31.75 10.41 7.66
CA PRO A 43 31.32 9.57 8.79
C PRO A 43 30.19 8.63 8.38
N ARG A 44 30.17 7.44 9.00
CA ARG A 44 29.17 6.43 8.68
C ARG A 44 27.76 6.97 8.83
N ARG A 45 27.52 7.83 9.82
CA ARG A 45 26.18 8.32 10.08
C ARG A 45 25.70 9.29 9.02
N LYS A 46 26.61 9.88 8.25
CA LYS A 46 26.24 10.76 7.15
C LYS A 46 26.28 10.07 5.79
N ALA A 47 26.33 8.74 5.75
CA ALA A 47 26.45 8.01 4.49
C ALA A 47 25.36 6.96 4.37
N LYS A 48 24.91 6.75 3.13
CA LYS A 48 24.01 5.66 2.78
C LYS A 48 24.65 4.89 1.63
N ILE A 49 24.94 3.61 1.85
CA ILE A 49 25.60 2.77 0.85
C ILE A 49 24.54 1.85 0.25
N ILE A 50 24.25 2.02 -1.05
CA ILE A 50 23.06 1.42 -1.65
C ILE A 50 23.46 0.64 -2.90
N ARG A 51 22.97 -0.59 -2.99
CA ARG A 51 23.23 -1.47 -4.12
C ARG A 51 22.04 -1.45 -5.08
N ASP A 52 22.32 -1.72 -6.36
CA ASP A 52 21.28 -1.86 -7.38
C ASP A 52 20.61 -3.24 -7.28
N TYR A 53 20.01 -3.50 -6.11
CA TYR A 53 19.44 -4.81 -5.85
C TYR A 53 18.48 -5.23 -6.95
N GLY A 54 17.53 -4.35 -7.30
CA GLY A 54 16.46 -4.68 -8.22
C GLY A 54 16.79 -4.64 -9.70
N LYS A 55 18.05 -4.43 -10.07
CA LYS A 55 18.52 -4.39 -11.46
C LYS A 55 17.70 -5.22 -12.46
N ASP B 76 -15.17 -19.40 -5.28
CA ASP B 76 -15.01 -19.43 -3.83
C ASP B 76 -13.85 -20.33 -3.44
N CYS B 77 -12.66 -20.00 -3.93
CA CYS B 77 -11.51 -20.88 -3.80
C CYS B 77 -10.27 -20.05 -3.47
N SER B 78 -9.11 -20.66 -3.66
CA SER B 78 -7.86 -20.06 -3.19
C SER B 78 -7.52 -18.69 -3.78
N PRO B 79 -7.95 -18.29 -4.99
CA PRO B 79 -7.55 -16.96 -5.46
C PRO B 79 -7.88 -15.81 -4.52
N GLY B 80 -8.93 -15.92 -3.69
CA GLY B 80 -9.40 -14.80 -2.92
C GLY B 80 -9.10 -14.81 -1.43
N ILE B 81 -8.29 -15.74 -0.94
CA ILE B 81 -8.12 -15.99 0.49
C ILE B 81 -6.80 -15.38 0.97
N TRP B 82 -6.89 -14.56 2.02
CA TRP B 82 -5.75 -13.86 2.60
C TRP B 82 -5.69 -14.11 4.10
N GLN B 83 -4.49 -14.09 4.66
CA GLN B 83 -4.29 -14.07 6.12
C GLN B 83 -3.60 -12.78 6.54
N LEU B 84 -4.06 -12.19 7.63
CA LEU B 84 -3.46 -10.98 8.17
C LEU B 84 -3.07 -11.19 9.62
N ASP B 85 -1.96 -10.56 10.03
CA ASP B 85 -1.51 -10.63 11.40
C ASP B 85 -0.56 -9.47 11.65
N CYS B 86 -0.34 -9.15 12.92
CA CYS B 86 0.62 -8.13 13.31
C CYS B 86 1.85 -8.77 13.94
N THR B 87 3.00 -8.18 13.67
CA THR B 87 4.23 -8.52 14.37
C THR B 87 4.88 -7.21 14.81
N HIS B 88 5.96 -7.32 15.58
N HIS B 88 5.96 -7.31 15.58
CA HIS B 88 6.51 -6.14 16.24
CA HIS B 88 6.51 -6.14 16.24
C HIS B 88 8.04 -6.15 16.17
C HIS B 88 8.04 -6.15 16.17
N LEU B 89 8.61 -4.99 15.88
CA LEU B 89 10.06 -4.79 15.89
C LEU B 89 10.34 -3.37 16.35
N GLU B 90 11.34 -3.21 17.23
CA GLU B 90 11.81 -1.89 17.64
C GLU B 90 10.68 -1.05 18.25
N GLY B 91 9.74 -1.70 18.92
CA GLY B 91 8.59 -1.03 19.50
C GLY B 91 7.54 -0.59 18.51
N LYS B 92 7.65 -0.99 17.24
CA LYS B 92 6.71 -0.56 16.21
C LYS B 92 5.85 -1.73 15.77
N VAL B 93 4.67 -1.41 15.24
CA VAL B 93 3.67 -2.40 14.89
C VAL B 93 3.71 -2.58 13.38
N ILE B 94 3.87 -3.83 12.92
CA ILE B 94 3.91 -4.14 11.50
C ILE B 94 2.69 -5.00 11.18
N LEU B 95 1.84 -4.51 10.30
CA LEU B 95 0.68 -5.26 9.84
C LEU B 95 1.02 -5.93 8.53
N VAL B 96 0.82 -7.25 8.47
CA VAL B 96 1.27 -8.09 7.36
C VAL B 96 0.07 -8.83 6.79
N ALA B 97 -0.04 -8.86 5.46
CA ALA B 97 -1.07 -9.60 4.74
C ALA B 97 -0.37 -10.60 3.83
N VAL B 98 -0.84 -11.84 3.81
CA VAL B 98 -0.29 -12.89 2.95
CA VAL B 98 -0.28 -12.85 2.92
C VAL B 98 -1.39 -13.44 2.06
N HIS B 99 -1.14 -13.50 0.76
CA HIS B 99 -2.02 -14.24 -0.14
C HIS B 99 -1.63 -15.71 -0.02
N VAL B 100 -2.47 -16.51 0.62
CA VAL B 100 -2.06 -17.83 1.09
C VAL B 100 -1.59 -18.71 -0.07
N ALA B 101 -2.28 -18.67 -1.21
CA ALA B 101 -1.96 -19.60 -2.29
C ALA B 101 -0.66 -19.27 -3.03
N SER B 102 -0.21 -18.02 -2.98
CA SER B 102 1.01 -17.64 -3.68
C SER B 102 2.19 -17.37 -2.77
N GLY B 103 1.95 -17.09 -1.49
CA GLY B 103 2.98 -16.57 -0.62
C GLY B 103 3.28 -15.10 -0.78
N TYR B 104 2.53 -14.38 -1.61
CA TYR B 104 2.77 -12.96 -1.82
C TYR B 104 2.42 -12.18 -0.55
N ILE B 105 3.20 -11.14 -0.23
CA ILE B 105 2.92 -10.35 0.99
C ILE B 105 2.85 -8.85 0.72
N GLU B 106 2.08 -8.16 1.56
CA GLU B 106 2.12 -6.72 1.71
C GLU B 106 2.23 -6.42 3.20
N ALA B 107 2.91 -5.32 3.54
CA ALA B 107 3.05 -4.94 4.94
C ALA B 107 3.13 -3.43 5.04
N GLU B 108 2.74 -2.91 6.21
CA GLU B 108 2.86 -1.50 6.54
C GLU B 108 3.21 -1.39 8.01
N VAL B 109 4.00 -0.39 8.35
CA VAL B 109 4.19 0.00 9.75
C VAL B 109 3.04 0.91 10.11
N ILE B 110 2.23 0.52 11.10
CA ILE B 110 1.10 1.37 11.48
C ILE B 110 1.35 2.02 12.84
N PRO B 111 0.81 3.23 13.09
CA PRO B 111 1.17 3.95 14.32
C PRO B 111 0.56 3.38 15.58
N ALA B 112 -0.52 2.61 15.48
CA ALA B 112 -1.15 1.96 16.62
C ALA B 112 -1.90 0.75 16.12
N GLU B 113 -1.99 -0.29 16.96
CA GLU B 113 -2.60 -1.56 16.58
C GLU B 113 -4.11 -1.51 16.83
N THR B 114 -4.78 -0.65 16.08
CA THR B 114 -6.18 -0.34 16.31
C THR B 114 -7.07 -0.82 15.16
N GLY B 115 -8.36 -0.92 15.46
CA GLY B 115 -9.34 -1.21 14.43
C GLY B 115 -9.29 -0.22 13.28
N GLN B 116 -9.08 1.06 13.59
CA GLN B 116 -9.05 2.09 12.55
C GLN B 116 -7.89 1.88 11.59
N GLU B 117 -6.70 1.63 12.13
CA GLU B 117 -5.55 1.43 11.25
C GLU B 117 -5.68 0.13 10.45
N THR B 118 -6.23 -0.92 11.08
CA THR B 118 -6.43 -2.18 10.38
C THR B 118 -7.47 -2.04 9.27
N ALA B 119 -8.59 -1.36 9.55
CA ALA B 119 -9.60 -1.14 8.53
C ALA B 119 -9.04 -0.36 7.34
N TYR B 120 -8.24 0.67 7.60
CA TYR B 120 -7.66 1.45 6.51
C TYR B 120 -6.76 0.57 5.64
N PHE B 121 -5.88 -0.21 6.26
CA PHE B 121 -5.07 -1.21 5.54
C PHE B 121 -5.92 -2.11 4.66
N LEU B 122 -7.03 -2.62 5.21
CA LEU B 122 -7.88 -3.54 4.46
C LEU B 122 -8.53 -2.88 3.26
N LEU B 123 -9.01 -1.64 3.43
CA LEU B 123 -9.59 -0.94 2.27
C LEU B 123 -8.55 -0.78 1.15
N LYS B 124 -7.31 -0.48 1.50
CA LYS B 124 -6.27 -0.37 0.48
C LYS B 124 -6.05 -1.70 -0.21
N LEU B 125 -5.89 -2.77 0.59
CA LEU B 125 -5.67 -4.10 0.04
C LEU B 125 -6.80 -4.51 -0.89
N ALA B 126 -8.04 -4.27 -0.47
CA ALA B 126 -9.21 -4.70 -1.23
C ALA B 126 -9.33 -3.94 -2.55
N GLY B 127 -8.81 -2.71 -2.61
CA GLY B 127 -8.81 -1.97 -3.87
C GLY B 127 -7.83 -2.51 -4.90
N ARG B 128 -6.81 -3.24 -4.46
CA ARG B 128 -5.74 -3.74 -5.33
C ARG B 128 -6.01 -5.13 -5.87
N TRP B 129 -6.52 -6.03 -5.04
CA TRP B 129 -6.70 -7.44 -5.31
C TRP B 129 -8.16 -7.81 -5.09
N PRO B 130 -8.62 -8.94 -5.66
CA PRO B 130 -9.99 -9.40 -5.35
C PRO B 130 -10.04 -10.19 -4.05
N VAL B 131 -10.09 -9.46 -2.93
CA VAL B 131 -10.03 -10.03 -1.59
C VAL B 131 -11.43 -10.56 -1.25
N LYS B 132 -11.54 -11.86 -1.02
CA LYS B 132 -12.82 -12.47 -0.71
C LYS B 132 -12.94 -12.93 0.73
N THR B 133 -11.86 -13.43 1.31
CA THR B 133 -11.87 -13.94 2.68
C THR B 133 -10.57 -13.50 3.35
N VAL B 134 -10.66 -13.02 4.58
CA VAL B 134 -9.49 -12.69 5.38
C VAL B 134 -9.53 -13.52 6.67
N HIS B 135 -8.47 -14.27 6.92
CA HIS B 135 -8.31 -15.11 8.11
C HIS B 135 -7.40 -14.40 9.09
N THR B 136 -7.89 -14.17 10.32
CA THR B 136 -7.08 -13.56 11.37
C THR B 136 -7.26 -14.36 12.64
N ASP B 137 -6.40 -14.07 13.62
CA ASP B 137 -6.65 -14.49 14.99
C ASP B 137 -7.67 -13.53 15.62
N ASN B 138 -7.85 -13.62 16.94
CA ASN B 138 -8.86 -12.84 17.64
C ASN B 138 -8.32 -11.57 18.28
N GLY B 139 -7.22 -11.05 17.75
CA GLY B 139 -6.75 -9.75 18.21
C GLY B 139 -7.84 -8.71 18.09
N SER B 140 -7.87 -7.80 19.06
CA SER B 140 -9.01 -6.90 19.21
C SER B 140 -9.13 -5.93 18.05
N ASN B 141 -8.01 -5.63 17.38
CA ASN B 141 -8.11 -4.79 16.19
C ASN B 141 -8.84 -5.52 15.07
N PHE B 142 -8.63 -6.84 14.95
CA PHE B 142 -9.26 -7.60 13.89
C PHE B 142 -10.74 -7.86 14.15
N THR B 143 -11.14 -7.93 15.42
CA THR B 143 -12.54 -8.18 15.77
C THR B 143 -13.32 -6.88 15.98
N SER B 144 -12.71 -5.74 15.70
CA SER B 144 -13.30 -4.44 16.01
C SER B 144 -14.46 -4.11 15.08
N THR B 145 -15.33 -3.20 15.55
CA THR B 145 -16.46 -2.72 14.77
C THR B 145 -16.00 -2.00 13.49
N THR B 146 -14.89 -1.26 13.56
N THR B 146 -14.89 -1.27 13.57
CA THR B 146 -14.45 -0.54 12.37
CA THR B 146 -14.43 -0.53 12.41
C THR B 146 -14.00 -1.48 11.27
C THR B 146 -14.00 -1.48 11.29
N VAL B 147 -13.37 -2.60 11.64
CA VAL B 147 -12.97 -3.58 10.63
C VAL B 147 -14.19 -4.30 10.06
N LYS B 148 -15.19 -4.57 10.91
CA LYS B 148 -16.45 -5.11 10.41
C LYS B 148 -17.03 -4.24 9.32
N ALA B 149 -17.03 -2.92 9.54
CA ALA B 149 -17.56 -1.98 8.55
C ALA B 149 -16.77 -2.05 7.26
N ALA B 150 -15.44 -2.10 7.35
CA ALA B 150 -14.60 -2.17 6.15
C ALA B 150 -14.92 -3.42 5.34
N CYS B 151 -14.98 -4.57 6.01
CA CYS B 151 -15.24 -5.84 5.32
C CYS B 151 -16.65 -5.86 4.74
N TRP B 152 -17.62 -5.31 5.47
CA TRP B 152 -18.97 -5.22 4.93
C TRP B 152 -18.99 -4.39 3.64
N TRP B 153 -18.41 -3.19 3.68
CA TRP B 153 -18.43 -2.32 2.50
C TRP B 153 -17.69 -2.95 1.32
N ALA B 154 -16.53 -3.54 1.58
CA ALA B 154 -15.68 -4.10 0.53
C ALA B 154 -16.11 -5.50 0.10
N GLY B 155 -17.05 -6.13 0.80
CA GLY B 155 -17.47 -7.46 0.40
C GLY B 155 -16.56 -8.59 0.84
N ILE B 156 -15.95 -8.46 2.01
CA ILE B 156 -14.95 -9.41 2.50
C ILE B 156 -15.57 -10.22 3.64
N LYS B 157 -15.37 -11.52 3.59
CA LYS B 157 -15.79 -12.42 4.67
C LYS B 157 -14.65 -12.60 5.65
N GLN B 158 -14.93 -12.47 6.94
CA GLN B 158 -13.93 -12.65 7.98
C GLN B 158 -14.04 -14.03 8.60
N GLU B 159 -12.90 -14.67 8.82
CA GLU B 159 -12.82 -15.97 9.48
C GLU B 159 -11.79 -15.88 10.59
N PHE B 160 -12.16 -16.41 11.76
CA PHE B 160 -11.31 -16.30 12.94
C PHE B 160 -10.85 -17.67 13.45
N SER B 168 -1.66 -25.00 4.95
CA SER B 168 -2.42 -23.76 4.86
C SER B 168 -2.61 -23.09 6.20
N GLN B 169 -2.36 -23.83 7.27
CA GLN B 169 -2.48 -23.33 8.63
C GLN B 169 -1.11 -22.88 9.13
N GLY B 170 -1.06 -21.74 9.81
CA GLY B 170 0.19 -21.17 10.26
C GLY B 170 1.00 -20.47 9.20
N VAL B 171 0.39 -20.12 8.06
CA VAL B 171 1.13 -19.50 6.98
C VAL B 171 1.62 -18.10 7.38
N ILE B 172 0.71 -17.27 7.90
CA ILE B 172 1.11 -15.90 8.22
C ILE B 172 2.14 -15.88 9.34
N GLU B 173 2.01 -16.80 10.30
CA GLU B 173 2.98 -16.87 11.39
C GLU B 173 4.36 -17.25 10.86
N SER B 174 4.42 -18.15 9.88
CA SER B 174 5.69 -18.46 9.24
C SER B 174 6.19 -17.28 8.41
N MET B 175 5.27 -16.53 7.80
CA MET B 175 5.70 -15.39 7.00
C MET B 175 6.22 -14.25 7.87
N ASN B 176 5.60 -14.02 9.03
CA ASN B 176 6.12 -13.02 9.96
C ASN B 176 7.58 -13.29 10.30
N LYS B 177 7.90 -14.55 10.63
CA LYS B 177 9.27 -14.91 10.95
C LYS B 177 10.20 -14.65 9.76
N GLU B 178 9.79 -15.10 8.58
CA GLU B 178 10.61 -14.91 7.38
C GLU B 178 10.83 -13.44 7.09
N LEU B 179 9.78 -12.63 7.26
CA LEU B 179 9.91 -11.20 7.02
C LEU B 179 10.89 -10.57 8.00
N LYS B 180 10.78 -10.93 9.28
CA LYS B 180 11.71 -10.39 10.27
C LYS B 180 13.14 -10.85 9.98
N LYS B 181 13.31 -12.07 9.45
CA LYS B 181 14.65 -12.52 9.06
C LYS B 181 15.22 -11.64 7.96
N ILE B 182 14.44 -11.37 6.92
CA ILE B 182 14.95 -10.53 5.84
C ILE B 182 15.22 -9.12 6.33
N ILE B 183 14.31 -8.57 7.15
CA ILE B 183 14.51 -7.23 7.70
C ILE B 183 15.85 -7.14 8.42
N GLY B 184 16.14 -8.13 9.26
CA GLY B 184 17.41 -8.13 9.98
C GLY B 184 18.61 -8.17 9.06
N GLN B 185 18.46 -8.80 7.89
CA GLN B 185 19.58 -8.88 6.95
C GLN B 185 19.85 -7.55 6.28
N VAL B 186 18.83 -6.72 6.09
CA VAL B 186 18.99 -5.44 5.41
C VAL B 186 18.85 -4.24 6.33
N ARG B 187 18.69 -4.47 7.64
CA ARG B 187 18.30 -3.38 8.54
C ARG B 187 19.31 -2.23 8.51
N ASP B 188 20.60 -2.56 8.41
CA ASP B 188 21.57 -1.49 8.52
C ASP B 188 21.71 -0.68 7.24
N GLN B 189 20.94 -0.99 6.21
CA GLN B 189 20.96 -0.28 4.94
C GLN B 189 19.98 0.88 4.87
N ALA B 190 19.25 1.14 5.95
CA ALA B 190 18.27 2.21 5.98
C ALA B 190 18.18 2.75 7.39
N GLU B 191 17.87 4.06 7.49
CA GLU B 191 17.66 4.61 8.82
C GLU B 191 16.36 4.11 9.42
N HIS B 192 15.28 4.16 8.65
CA HIS B 192 13.95 3.90 9.19
C HIS B 192 13.57 2.42 9.09
N LEU B 193 12.96 1.91 10.14
CA LEU B 193 12.42 0.55 10.08
C LEU B 193 11.48 0.37 8.89
N LYS B 194 10.60 1.34 8.64
CA LYS B 194 9.62 1.16 7.56
C LYS B 194 10.31 0.98 6.21
N THR B 195 11.46 1.64 6.01
CA THR B 195 12.20 1.45 4.76
C THR B 195 12.69 0.01 4.64
N ALA B 196 13.28 -0.53 5.71
CA ALA B 196 13.72 -1.92 5.68
C ALA B 196 12.56 -2.88 5.54
N VAL B 197 11.42 -2.59 6.16
CA VAL B 197 10.24 -3.45 5.95
C VAL B 197 9.91 -3.55 4.47
N GLN B 198 9.85 -2.42 3.77
CA GLN B 198 9.44 -2.50 2.38
C GLN B 198 10.53 -3.08 1.48
N MET B 199 11.81 -2.87 1.82
CA MET B 199 12.86 -3.60 1.10
C MET B 199 12.67 -5.10 1.28
N ALA B 200 12.33 -5.53 2.50
CA ALA B 200 12.16 -6.95 2.78
C ALA B 200 11.00 -7.53 2.01
N VAL B 201 9.86 -6.81 1.97
CA VAL B 201 8.71 -7.25 1.17
C VAL B 201 9.12 -7.44 -0.28
N PHE B 202 9.82 -6.44 -0.85
CA PHE B 202 10.29 -6.52 -2.23
C PHE B 202 11.14 -7.77 -2.44
N ILE B 203 12.15 -7.94 -1.58
CA ILE B 203 13.04 -9.11 -1.66
C ILE B 203 12.23 -10.40 -1.64
N HIS B 204 11.28 -10.52 -0.70
CA HIS B 204 10.52 -11.76 -0.62
C HIS B 204 9.68 -12.00 -1.87
N ASN B 205 8.97 -10.97 -2.33
CA ASN B 205 8.03 -11.16 -3.43
C ASN B 205 8.73 -11.42 -4.76
N LYS B 206 9.96 -10.95 -4.92
CA LYS B 206 10.64 -11.05 -6.21
C LYS B 206 11.54 -12.27 -6.31
N LYS B 207 11.77 -12.99 -5.21
CA LYS B 207 12.69 -14.12 -5.21
C LYS B 207 12.07 -15.31 -5.93
N ARG B 208 12.72 -15.76 -6.99
CA ARG B 208 12.25 -16.94 -7.71
C ARG B 208 12.65 -18.20 -6.96
N LYS B 209 11.68 -19.04 -6.66
CA LYS B 209 11.94 -20.26 -5.89
C LYS B 209 12.56 -21.36 -6.73
N GLY B 210 12.36 -21.35 -8.04
CA GLY B 210 12.97 -22.34 -8.90
C GLY B 210 14.47 -22.15 -9.03
N GLY B 214 9.42 -22.14 -11.86
CA GLY B 214 10.23 -21.44 -10.88
C GLY B 214 9.92 -19.96 -10.81
N TYR B 215 8.72 -19.64 -10.37
CA TYR B 215 8.23 -18.27 -10.35
C TYR B 215 8.31 -17.70 -8.94
N SER B 216 8.34 -16.38 -8.86
CA SER B 216 8.32 -15.70 -7.57
C SER B 216 6.90 -15.62 -7.03
N ALA B 217 6.78 -15.32 -5.74
CA ALA B 217 5.46 -15.09 -5.15
C ALA B 217 4.73 -13.98 -5.90
N GLY B 218 5.43 -12.92 -6.28
CA GLY B 218 4.80 -11.83 -6.99
C GLY B 218 4.31 -12.23 -8.37
N GLU B 219 5.03 -13.13 -9.03
CA GLU B 219 4.54 -13.69 -10.29
C GLU B 219 3.40 -14.67 -10.06
N ARG B 220 3.45 -15.41 -8.95
CA ARG B 220 2.43 -16.44 -8.71
C ARG B 220 1.06 -15.82 -8.43
N ILE B 221 1.01 -14.73 -7.66
CA ILE B 221 -0.31 -14.16 -7.36
C ILE B 221 -0.94 -13.60 -8.62
N VAL B 222 -0.16 -12.90 -9.46
CA VAL B 222 -0.70 -12.35 -10.70
C VAL B 222 -1.18 -13.46 -11.63
N ASP B 223 -0.43 -14.57 -11.70
CA ASP B 223 -0.84 -15.69 -12.54
C ASP B 223 -2.12 -16.34 -12.01
N ILE B 224 -2.22 -16.52 -10.69
CA ILE B 224 -3.40 -17.16 -10.10
C ILE B 224 -4.65 -16.31 -10.32
N ILE B 225 -4.53 -14.99 -10.13
CA ILE B 225 -5.71 -14.13 -10.23
C ILE B 225 -6.15 -13.96 -11.67
N ALA B 226 -5.20 -13.76 -12.59
CA ALA B 226 -5.57 -13.59 -13.99
C ALA B 226 -6.26 -14.84 -14.53
N THR B 227 -5.78 -16.02 -14.14
CA THR B 227 -6.43 -17.24 -14.62
C THR B 227 -7.84 -17.38 -14.05
N ASP B 228 -8.08 -16.81 -12.86
CA ASP B 228 -9.40 -16.89 -12.24
C ASP B 228 -10.38 -15.86 -12.78
N ILE B 229 -9.94 -14.93 -13.61
CA ILE B 229 -10.83 -13.96 -14.25
C ILE B 229 -11.76 -14.68 -15.23
N GLN C 3 -28.21 -5.21 -2.67
CA GLN C 3 -28.24 -3.89 -2.05
C GLN C 3 -28.83 -3.94 -0.64
N ASN C 4 -27.99 -4.12 0.37
CA ASN C 4 -28.49 -4.05 1.73
C ASN C 4 -27.55 -3.24 2.61
N PHE C 5 -28.08 -2.85 3.76
CA PHE C 5 -27.47 -1.84 4.59
C PHE C 5 -27.32 -2.38 6.00
N ARG C 6 -26.24 -1.94 6.65
CA ARG C 6 -26.05 -2.11 8.08
C ARG C 6 -25.70 -0.74 8.66
N VAL C 7 -26.02 -0.52 9.92
CA VAL C 7 -25.79 0.76 10.55
C VAL C 7 -24.75 0.62 11.65
N TYR C 8 -23.78 1.52 11.64
CA TYR C 8 -22.78 1.64 12.69
C TYR C 8 -22.99 3.00 13.36
N TYR C 9 -22.85 3.05 14.68
CA TYR C 9 -23.37 4.22 15.39
C TYR C 9 -22.69 4.36 16.75
N ARG C 10 -22.83 5.55 17.31
CA ARG C 10 -22.33 5.86 18.64
C ARG C 10 -23.48 6.35 19.51
N ASP C 11 -23.49 5.90 20.75
CA ASP C 11 -24.49 6.37 21.71
C ASP C 11 -24.14 7.77 22.20
N ASP C 14 -20.35 7.70 24.69
CA ASP C 14 -19.46 6.60 24.35
C ASP C 14 -18.90 6.77 22.94
N PRO C 15 -17.61 7.06 22.83
CA PRO C 15 -16.99 7.24 21.52
C PRO C 15 -16.70 5.94 20.78
N VAL C 16 -17.06 4.80 21.34
CA VAL C 16 -16.81 3.51 20.71
C VAL C 16 -17.90 3.21 19.70
N TRP C 17 -17.52 2.74 18.52
CA TRP C 17 -18.48 2.45 17.47
C TRP C 17 -19.17 1.13 17.73
N LYS C 18 -20.49 1.12 17.60
CA LYS C 18 -21.32 -0.06 17.79
C LYS C 18 -21.90 -0.48 16.45
N GLY C 19 -22.27 -1.75 16.37
CA GLY C 19 -22.84 -2.30 15.17
C GLY C 19 -22.23 -3.63 14.78
N PRO C 20 -22.69 -4.20 13.66
CA PRO C 20 -23.74 -3.67 12.77
C PRO C 20 -25.14 -3.83 13.35
N ALA C 21 -26.02 -2.91 13.03
CA ALA C 21 -27.41 -2.97 13.41
C ALA C 21 -28.28 -2.95 12.16
N LYS C 22 -29.49 -3.47 12.28
CA LYS C 22 -30.46 -3.43 11.21
C LYS C 22 -31.04 -2.02 11.08
N LEU C 23 -31.17 -1.56 9.84
CA LEU C 23 -31.81 -0.28 9.56
C LEU C 23 -33.31 -0.48 9.48
N LEU C 24 -34.05 0.23 10.33
CA LEU C 24 -35.50 0.12 10.32
C LEU C 24 -36.14 1.24 9.52
N GLU C 25 -35.66 2.47 9.72
CA GLU C 25 -36.18 3.63 8.99
C GLU C 25 -35.15 4.74 9.07
N LYS C 26 -35.16 5.57 8.02
CA LYS C 26 -34.29 6.74 7.93
C LYS C 26 -35.16 7.97 7.79
N GLY C 27 -34.91 8.98 8.63
CA GLY C 27 -35.53 10.28 8.49
C GLY C 27 -34.48 11.36 8.30
N GLU C 28 -34.96 12.58 8.11
CA GLU C 28 -34.07 13.70 7.90
C GLU C 28 -33.20 13.99 9.12
N GLY C 29 -33.64 13.59 10.31
CA GLY C 29 -32.90 13.90 11.52
C GLY C 29 -32.38 12.70 12.27
N ALA C 30 -32.98 11.53 12.07
CA ALA C 30 -32.62 10.38 12.88
C ALA C 30 -32.76 9.10 12.06
N VAL C 31 -32.12 8.05 12.56
CA VAL C 31 -32.29 6.70 12.03
C VAL C 31 -32.79 5.82 13.17
N VAL C 32 -33.74 4.95 12.86
CA VAL C 32 -34.23 3.96 13.80
C VAL C 32 -33.59 2.64 13.43
N ILE C 33 -32.95 1.98 14.40
CA ILE C 33 -32.18 0.77 14.18
C ILE C 33 -32.54 -0.25 15.23
N GLN C 34 -32.19 -1.50 14.94
CA GLN C 34 -32.34 -2.59 15.89
C GLN C 34 -30.98 -3.25 16.07
N ASP C 35 -30.38 -3.05 17.23
CA ASP C 35 -29.11 -3.71 17.58
C ASP C 35 -29.45 -4.88 18.49
N ASN C 36 -29.21 -6.10 18.00
CA ASN C 36 -29.63 -7.33 18.66
C ASN C 36 -31.14 -7.39 18.77
N SER C 37 -31.70 -6.96 19.89
CA SER C 37 -33.14 -6.93 20.07
C SER C 37 -33.64 -5.63 20.69
N ASP C 38 -32.78 -4.63 20.84
CA ASP C 38 -33.18 -3.31 21.30
C ASP C 38 -33.32 -2.38 20.11
N ILE C 39 -34.43 -1.65 20.05
CA ILE C 39 -34.63 -0.64 19.02
C ILE C 39 -34.16 0.70 19.58
N LYS C 40 -33.41 1.42 18.77
CA LYS C 40 -32.81 2.68 19.20
C LYS C 40 -33.08 3.74 18.14
N VAL C 41 -33.21 4.98 18.60
CA VAL C 41 -33.34 6.14 17.72
C VAL C 41 -32.04 6.92 17.82
N VAL C 42 -31.35 7.10 16.70
CA VAL C 42 -30.00 7.62 16.68
C VAL C 42 -29.96 8.85 15.79
N PRO C 43 -29.44 9.99 16.26
CA PRO C 43 -29.27 11.15 15.38
C PRO C 43 -28.44 10.79 14.15
N ARG C 44 -28.80 11.38 13.02
CA ARG C 44 -28.12 11.08 11.75
C ARG C 44 -26.61 11.27 11.87
N ARG C 45 -26.18 12.35 12.51
CA ARG C 45 -24.75 12.65 12.59
C ARG C 45 -23.97 11.60 13.36
N LYS C 46 -24.64 10.82 14.21
CA LYS C 46 -23.96 9.79 15.00
C LYS C 46 -24.04 8.41 14.36
N ALA C 47 -24.51 8.30 13.13
CA ALA C 47 -24.69 7.02 12.48
C ALA C 47 -24.00 7.01 11.12
N LYS C 48 -23.49 5.84 10.74
CA LYS C 48 -23.06 5.58 9.37
C LYS C 48 -23.91 4.44 8.84
N ILE C 49 -24.59 4.70 7.73
CA ILE C 49 -25.39 3.68 7.04
C ILE C 49 -24.56 3.18 5.87
N ILE C 50 -24.09 1.95 5.95
CA ILE C 50 -23.11 1.42 5.01
C ILE C 50 -23.70 0.26 4.23
N ARG C 51 -23.63 0.33 2.90
CA ARG C 51 -24.09 -0.77 2.07
C ARG C 51 -22.94 -1.72 1.74
N ASP C 52 -23.31 -2.95 1.34
CA ASP C 52 -22.32 -3.95 0.94
C ASP C 52 -21.90 -3.73 -0.50
N TYR C 53 -21.26 -2.57 -0.72
CA TYR C 53 -20.92 -2.11 -2.06
C TYR C 53 -20.13 -3.15 -2.85
N GLY C 54 -19.10 -3.72 -2.24
CA GLY C 54 -18.25 -4.65 -2.97
C GLY C 54 -18.81 -6.05 -3.13
N LYS C 55 -20.06 -6.28 -2.72
CA LYS C 55 -20.73 -7.58 -2.74
C LYS C 55 -20.20 -8.52 -1.64
N CYS D 77 7.99 -1.43 -22.30
CA CYS D 77 6.80 -2.15 -22.72
C CYS D 77 5.66 -1.92 -21.73
N SER D 78 4.42 -2.00 -22.23
CA SER D 78 3.27 -1.62 -21.41
C SER D 78 3.15 -2.34 -20.07
N PRO D 79 3.58 -3.60 -19.87
CA PRO D 79 3.46 -4.19 -18.53
C PRO D 79 4.08 -3.35 -17.42
N GLY D 80 5.19 -2.66 -17.68
CA GLY D 80 5.95 -2.02 -16.62
C GLY D 80 5.91 -0.51 -16.50
N ILE D 81 5.02 0.18 -17.23
CA ILE D 81 5.05 1.64 -17.35
C ILE D 81 4.01 2.26 -16.43
N TRP D 82 4.45 3.22 -15.61
CA TRP D 82 3.61 3.89 -14.62
C TRP D 82 3.79 5.41 -14.71
N GLN D 83 2.74 6.15 -14.38
CA GLN D 83 2.80 7.60 -14.20
C GLN D 83 2.45 7.94 -12.76
N LEU D 84 3.19 8.87 -12.16
CA LEU D 84 2.93 9.34 -10.79
C LEU D 84 2.77 10.85 -10.74
N ASP D 85 1.90 11.32 -9.86
CA ASP D 85 1.69 12.75 -9.69
C ASP D 85 1.01 12.96 -8.35
N CYS D 86 1.15 14.17 -7.83
CA CYS D 86 0.45 14.56 -6.61
C CYS D 86 -0.74 15.45 -6.97
N THR D 87 -1.80 15.31 -6.19
CA THR D 87 -2.94 16.23 -6.28
C THR D 87 -3.31 16.60 -4.86
N HIS D 88 -4.13 17.64 -4.70
N HIS D 88 -4.15 17.63 -4.70
CA HIS D 88 -4.42 18.20 -3.39
CA HIS D 88 -4.42 18.21 -3.39
C HIS D 88 -5.91 18.27 -3.13
C HIS D 88 -5.91 18.28 -3.13
N LEU D 89 -6.31 17.87 -1.93
CA LEU D 89 -7.69 18.01 -1.47
C LEU D 89 -7.66 18.25 0.03
N GLU D 90 -8.43 19.24 0.50
CA GLU D 90 -8.55 19.52 1.94
C GLU D 90 -7.20 19.84 2.58
N GLY D 91 -6.31 20.46 1.80
CA GLY D 91 -4.99 20.76 2.31
C GLY D 91 -4.09 19.55 2.47
N LYS D 92 -4.52 18.39 2.01
CA LYS D 92 -3.76 17.16 2.11
C LYS D 92 -3.22 16.78 0.73
N VAL D 93 -2.13 16.03 0.75
CA VAL D 93 -1.38 15.68 -0.46
C VAL D 93 -1.66 14.23 -0.77
N ILE D 94 -2.18 13.99 -1.97
CA ILE D 94 -2.52 12.65 -2.43
C ILE D 94 -1.52 12.29 -3.52
N LEU D 95 -0.75 11.24 -3.28
CA LEU D 95 0.17 10.72 -4.29
C LEU D 95 -0.53 9.60 -5.05
N VAL D 96 -0.61 9.75 -6.37
CA VAL D 96 -1.35 8.83 -7.22
C VAL D 96 -0.38 8.17 -8.20
N ALA D 97 -0.48 6.84 -8.33
CA ALA D 97 0.23 6.08 -9.36
C ALA D 97 -0.80 5.45 -10.29
N VAL D 98 -0.62 5.60 -11.61
CA VAL D 98 -1.49 4.98 -12.60
CA VAL D 98 -1.50 4.95 -12.58
C VAL D 98 -0.67 4.03 -13.45
N HIS D 99 -1.15 2.81 -13.61
CA HIS D 99 -0.59 1.86 -14.57
C HIS D 99 -1.18 2.23 -15.93
N VAL D 100 -0.33 2.78 -16.80
CA VAL D 100 -0.84 3.49 -17.98
C VAL D 100 -1.67 2.57 -18.88
N ALA D 101 -1.22 1.33 -19.08
CA ALA D 101 -1.89 0.47 -20.06
C ALA D 101 -3.24 -0.04 -19.58
N SER D 102 -3.48 -0.07 -18.26
CA SER D 102 -4.74 -0.57 -17.72
C SER D 102 -5.64 0.49 -17.14
N GLY D 103 -5.10 1.64 -16.72
CA GLY D 103 -5.86 2.58 -15.92
C GLY D 103 -5.95 2.24 -14.46
N TYR D 104 -5.32 1.16 -14.02
CA TYR D 104 -5.34 0.79 -12.61
C TYR D 104 -4.61 1.86 -11.80
N ILE D 105 -5.12 2.18 -10.61
CA ILE D 105 -4.50 3.20 -9.77
C ILE D 105 -4.29 2.71 -8.34
N GLU D 106 -3.26 3.28 -7.72
CA GLU D 106 -3.08 3.21 -6.27
C GLU D 106 -2.79 4.62 -5.78
N ALA D 107 -3.21 4.91 -4.57
CA ALA D 107 -2.99 6.26 -4.07
C ALA D 107 -2.79 6.23 -2.56
N GLU D 108 -2.13 7.26 -2.05
CA GLU D 108 -1.97 7.39 -0.62
CA GLU D 108 -1.91 7.39 -0.62
C GLU D 108 -1.93 8.86 -0.27
N VAL D 109 -2.48 9.19 0.90
CA VAL D 109 -2.35 10.53 1.45
C VAL D 109 -1.03 10.58 2.20
N ILE D 110 -0.13 11.46 1.77
CA ILE D 110 1.18 11.54 2.42
C ILE D 110 1.26 12.79 3.28
N PRO D 111 2.01 12.77 4.39
CA PRO D 111 2.04 13.92 5.29
C PRO D 111 2.74 15.14 4.71
N ALA D 112 3.60 14.97 3.71
CA ALA D 112 4.25 16.10 3.07
C ALA D 112 4.68 15.70 1.66
N GLU D 113 4.75 16.69 0.78
CA GLU D 113 5.09 16.45 -0.62
C GLU D 113 6.62 16.45 -0.77
N THR D 114 7.25 15.44 -0.17
CA THR D 114 8.71 15.39 -0.06
C THR D 114 9.28 14.20 -0.82
N GLY D 115 10.59 14.24 -1.05
CA GLY D 115 11.25 13.11 -1.69
C GLY D 115 11.21 11.87 -0.83
N GLN D 116 11.38 12.04 0.48
CA GLN D 116 11.32 10.89 1.38
C GLN D 116 9.97 10.17 1.28
N GLU D 117 8.87 10.92 1.33
CA GLU D 117 7.56 10.27 1.27
C GLU D 117 7.31 9.65 -0.10
N THR D 118 7.78 10.33 -1.15
CA THR D 118 7.65 9.80 -2.50
C THR D 118 8.46 8.53 -2.70
N ALA D 119 9.68 8.50 -2.16
CA ALA D 119 10.52 7.32 -2.30
C ALA D 119 9.91 6.12 -1.58
N TYR D 120 9.34 6.34 -0.38
CA TYR D 120 8.72 5.26 0.37
C TYR D 120 7.53 4.67 -0.39
N PHE D 121 6.72 5.56 -0.99
CA PHE D 121 5.60 5.12 -1.82
C PHE D 121 6.08 4.26 -2.98
N LEU D 122 7.15 4.70 -3.66
CA LEU D 122 7.69 3.95 -4.79
C LEU D 122 8.21 2.59 -4.37
N LEU D 123 8.87 2.50 -3.20
CA LEU D 123 9.35 1.20 -2.74
C LEU D 123 8.20 0.23 -2.51
N LYS D 124 7.11 0.72 -1.90
CA LYS D 124 5.93 -0.13 -1.73
C LYS D 124 5.36 -0.57 -3.07
N LEU D 125 5.20 0.38 -4.00
CA LEU D 125 4.65 0.06 -5.32
C LEU D 125 5.50 -0.98 -6.02
N ALA D 126 6.82 -0.79 -5.99
CA ALA D 126 7.72 -1.68 -6.71
C ALA D 126 7.73 -3.08 -6.10
N GLY D 127 7.43 -3.19 -4.81
CA GLY D 127 7.34 -4.51 -4.21
C GLY D 127 6.12 -5.31 -4.65
N ARG D 128 5.08 -4.63 -5.16
CA ARG D 128 3.88 -5.38 -5.52
C ARG D 128 3.69 -5.61 -7.01
N TRP D 129 4.25 -4.76 -7.87
CA TRP D 129 4.10 -4.82 -9.31
C TRP D 129 5.48 -4.80 -9.96
N PRO D 130 5.57 -5.20 -11.25
CA PRO D 130 6.85 -5.04 -12.00
C PRO D 130 7.02 -3.64 -12.57
N VAL D 131 7.52 -2.74 -11.73
CA VAL D 131 7.69 -1.34 -12.08
C VAL D 131 9.02 -1.16 -12.79
N LYS D 132 8.99 -0.87 -14.08
CA LYS D 132 10.20 -0.68 -14.85
C LYS D 132 10.46 0.78 -15.22
N THR D 133 9.42 1.53 -15.53
CA THR D 133 9.56 2.93 -15.92
C THR D 133 8.49 3.73 -15.19
N VAL D 134 8.87 4.87 -14.62
N VAL D 134 8.87 4.88 -14.65
CA VAL D 134 7.93 5.80 -14.02
CA VAL D 134 7.93 5.80 -14.01
C VAL D 134 8.08 7.15 -14.70
C VAL D 134 8.07 7.16 -14.66
N HIS D 135 6.95 7.72 -15.13
CA HIS D 135 6.89 9.04 -15.74
CA HIS D 135 6.92 9.05 -15.72
C HIS D 135 6.33 10.04 -14.72
N THR D 136 7.01 11.15 -14.53
CA THR D 136 6.54 12.19 -13.63
C THR D 136 6.79 13.56 -14.26
N ASP D 137 6.17 14.58 -13.70
CA ASP D 137 6.59 15.94 -14.01
C ASP D 137 7.88 16.22 -13.25
N ASN D 138 8.30 17.48 -13.25
CA ASN D 138 9.56 17.89 -12.65
C ASN D 138 9.39 18.45 -11.24
N GLY D 139 8.33 18.07 -10.54
CA GLY D 139 8.21 18.47 -9.14
C GLY D 139 9.43 18.03 -8.35
N SER D 140 9.81 18.86 -7.36
CA SER D 140 11.09 18.64 -6.68
C SER D 140 11.12 17.33 -5.90
N ASN D 141 9.97 16.84 -5.44
CA ASN D 141 9.95 15.54 -4.78
C ASN D 141 10.28 14.41 -5.76
N PHE D 142 9.86 14.53 -7.02
CA PHE D 142 10.14 13.48 -8.01
C PHE D 142 11.59 13.55 -8.51
N THR D 143 12.20 14.72 -8.50
CA THR D 143 13.59 14.87 -8.95
C THR D 143 14.60 14.75 -7.81
N SER D 144 14.15 14.44 -6.60
CA SER D 144 15.03 14.44 -5.44
C SER D 144 15.96 13.22 -5.43
N THR D 145 17.10 13.39 -4.74
CA THR D 145 18.07 12.31 -4.62
C THR D 145 17.46 11.10 -3.92
N THR D 146 16.57 11.31 -2.96
N THR D 146 16.57 11.32 -2.96
CA THR D 146 16.01 10.14 -2.27
CA THR D 146 15.98 10.19 -2.26
C THR D 146 15.14 9.31 -3.19
C THR D 146 15.16 9.32 -3.21
N VAL D 147 14.49 9.93 -4.17
CA VAL D 147 13.73 9.16 -5.16
C VAL D 147 14.68 8.50 -6.17
N LYS D 148 15.77 9.18 -6.52
CA LYS D 148 16.76 8.53 -7.37
C LYS D 148 17.31 7.27 -6.70
N ALA D 149 17.50 7.34 -5.37
CA ALA D 149 18.00 6.19 -4.63
C ALA D 149 17.02 5.03 -4.66
N ALA D 150 15.75 5.31 -4.39
CA ALA D 150 14.70 4.30 -4.51
C ALA D 150 14.71 3.63 -5.88
N CYS D 151 14.76 4.43 -6.95
CA CYS D 151 14.68 3.86 -8.30
C CYS D 151 15.93 3.05 -8.63
N TRP D 152 17.10 3.45 -8.12
CA TRP D 152 18.31 2.68 -8.36
C TRP D 152 18.24 1.32 -7.66
N TRP D 153 17.86 1.32 -6.38
CA TRP D 153 17.73 0.07 -5.64
C TRP D 153 16.72 -0.86 -6.30
N ALA D 154 15.54 -0.33 -6.66
CA ALA D 154 14.45 -1.15 -7.19
C ALA D 154 14.54 -1.42 -8.68
N GLY D 155 15.52 -0.87 -9.40
CA GLY D 155 15.58 -1.13 -10.83
C GLY D 155 14.58 -0.37 -11.67
N ILE D 156 14.27 0.87 -11.31
CA ILE D 156 13.25 1.67 -11.98
C ILE D 156 13.94 2.75 -12.80
N LYS D 157 13.52 2.92 -14.05
CA LYS D 157 13.96 4.04 -14.88
C LYS D 157 12.96 5.19 -14.74
N GLN D 158 13.48 6.40 -14.55
CA GLN D 158 12.65 7.59 -14.43
C GLN D 158 12.62 8.37 -15.73
N GLU D 159 11.43 8.82 -16.12
CA GLU D 159 11.29 9.72 -17.26
C GLU D 159 10.56 10.99 -16.81
N PHE D 160 10.94 12.12 -17.39
CA PHE D 160 10.35 13.40 -17.00
C PHE D 160 9.72 14.13 -18.18
N GLY D 170 -1.84 12.77 -21.25
CA GLY D 170 -2.25 13.27 -19.95
C GLY D 170 -3.06 12.27 -19.16
N VAL D 171 -2.54 11.05 -19.06
CA VAL D 171 -3.26 9.97 -18.39
C VAL D 171 -3.42 10.28 -16.89
N ILE D 172 -2.33 10.62 -16.20
CA ILE D 172 -2.42 10.85 -14.75
C ILE D 172 -3.27 12.08 -14.44
N GLU D 173 -3.12 13.14 -15.24
CA GLU D 173 -3.91 14.36 -15.00
C GLU D 173 -5.39 14.08 -15.14
N SER D 174 -5.78 13.37 -16.21
CA SER D 174 -7.14 12.90 -16.34
C SER D 174 -7.54 12.07 -15.13
N MET D 175 -6.61 11.27 -14.61
CA MET D 175 -6.93 10.39 -13.50
C MET D 175 -7.09 11.17 -12.21
N ASN D 176 -6.28 12.22 -12.01
CA ASN D 176 -6.46 13.09 -10.85
C ASN D 176 -7.87 13.65 -10.79
N LYS D 177 -8.39 14.11 -11.93
CA LYS D 177 -9.74 14.67 -11.98
C LYS D 177 -10.80 13.60 -11.73
N GLU D 178 -10.64 12.43 -12.34
CA GLU D 178 -11.59 11.35 -12.11
C GLU D 178 -11.59 10.93 -10.66
N LEU D 179 -10.41 10.77 -10.05
CA LEU D 179 -10.35 10.38 -8.65
C LEU D 179 -11.05 11.41 -7.76
N LYS D 180 -10.80 12.70 -8.01
CA LYS D 180 -11.43 13.75 -7.21
C LYS D 180 -12.94 13.78 -7.38
N LYS D 181 -13.43 13.40 -8.57
CA LYS D 181 -14.86 13.37 -8.80
C LYS D 181 -15.51 12.29 -7.95
N ILE D 182 -14.90 11.10 -7.93
CA ILE D 182 -15.42 10.00 -7.12
C ILE D 182 -15.33 10.35 -5.64
N ILE D 183 -14.17 10.87 -5.22
CA ILE D 183 -14.02 11.29 -3.82
C ILE D 183 -15.17 12.21 -3.43
N GLY D 184 -15.48 13.19 -4.28
CA GLY D 184 -16.58 14.10 -3.97
C GLY D 184 -17.93 13.40 -3.84
N GLN D 185 -18.14 12.34 -4.61
CA GLN D 185 -19.40 11.62 -4.52
C GLN D 185 -19.53 10.83 -3.21
N VAL D 186 -18.41 10.38 -2.63
CA VAL D 186 -18.47 9.53 -1.45
C VAL D 186 -18.00 10.23 -0.18
N ARG D 187 -17.65 11.52 -0.26
CA ARG D 187 -16.89 12.16 0.82
C ARG D 187 -17.66 12.14 2.15
N ASP D 188 -18.98 12.32 2.12
CA ASP D 188 -19.71 12.37 3.38
C ASP D 188 -19.94 10.98 3.99
N GLN D 189 -19.54 9.92 3.31
CA GLN D 189 -19.65 8.59 3.90
C GLN D 189 -18.51 8.26 4.87
N ALA D 190 -17.52 9.14 5.02
CA ALA D 190 -16.38 8.86 5.88
C ALA D 190 -15.98 10.12 6.62
N GLU D 191 -15.46 9.96 7.83
CA GLU D 191 -14.89 11.11 8.51
C GLU D 191 -13.62 11.60 7.82
N HIS D 192 -12.68 10.69 7.56
CA HIS D 192 -11.34 11.05 7.10
C HIS D 192 -11.24 11.09 5.58
N LEU D 193 -10.54 12.10 5.06
CA LEU D 193 -10.32 12.17 3.61
C LEU D 193 -9.61 10.92 3.09
N LYS D 194 -8.63 10.41 3.85
CA LYS D 194 -7.90 9.23 3.35
C LYS D 194 -8.82 8.03 3.19
N THR D 195 -9.80 7.89 4.07
CA THR D 195 -10.77 6.82 3.88
C THR D 195 -11.52 6.98 2.56
N ALA D 196 -12.01 8.19 2.30
CA ALA D 196 -12.72 8.43 1.04
C ALA D 196 -11.80 8.20 -0.16
N VAL D 197 -10.53 8.54 -0.04
CA VAL D 197 -9.59 8.30 -1.14
C VAL D 197 -9.52 6.82 -1.48
N GLN D 198 -9.39 5.96 -0.46
CA GLN D 198 -9.27 4.54 -0.77
C GLN D 198 -10.59 3.94 -1.22
N MET D 199 -11.72 4.45 -0.71
CA MET D 199 -13.00 4.04 -1.29
C MET D 199 -13.07 4.38 -2.77
N ALA D 200 -12.63 5.60 -3.13
CA ALA D 200 -12.64 6.01 -4.53
C ALA D 200 -11.69 5.15 -5.39
N VAL D 201 -10.51 4.83 -4.88
CA VAL D 201 -9.60 3.93 -5.60
C VAL D 201 -10.29 2.60 -5.86
N PHE D 202 -10.88 2.01 -4.81
CA PHE D 202 -11.62 0.76 -4.95
C PHE D 202 -12.72 0.89 -6.01
N ILE D 203 -13.53 1.95 -5.93
CA ILE D 203 -14.60 2.17 -6.91
C ILE D 203 -14.02 2.23 -8.32
N HIS D 204 -12.98 3.03 -8.52
CA HIS D 204 -12.38 3.16 -9.84
C HIS D 204 -11.84 1.83 -10.34
N ASN D 205 -11.13 1.09 -9.49
CA ASN D 205 -10.43 -0.11 -9.98
C ASN D 205 -11.38 -1.26 -10.26
N LYS D 206 -12.53 -1.31 -9.59
CA LYS D 206 -13.47 -2.43 -9.75
C LYS D 206 -14.53 -2.19 -10.81
N LYS D 207 -14.66 -0.96 -11.30
CA LYS D 207 -15.73 -0.63 -12.24
C LYS D 207 -15.46 -1.26 -13.60
N ARG D 208 -16.41 -2.05 -14.09
CA ARG D 208 -16.33 -2.65 -15.41
C ARG D 208 -16.86 -1.66 -16.45
N LYS D 209 -15.98 -1.23 -17.35
CA LYS D 209 -16.32 -0.23 -18.36
C LYS D 209 -16.82 -0.87 -19.65
N GLY D 214 -15.38 -6.37 -21.67
CA GLY D 214 -15.70 -5.37 -20.67
C GLY D 214 -15.16 -5.70 -19.30
N TYR D 215 -13.91 -5.35 -19.05
CA TYR D 215 -13.25 -5.65 -17.79
C TYR D 215 -12.92 -4.37 -17.04
N SER D 216 -12.62 -4.53 -15.76
CA SER D 216 -12.23 -3.43 -14.88
C SER D 216 -10.74 -3.18 -14.98
N ALA D 217 -10.30 -2.02 -14.47
CA ALA D 217 -8.87 -1.70 -14.48
C ALA D 217 -8.09 -2.73 -13.66
N GLY D 218 -8.62 -3.14 -12.50
CA GLY D 218 -7.96 -4.16 -11.70
C GLY D 218 -7.81 -5.48 -12.44
N GLU D 219 -8.83 -5.88 -13.19
CA GLU D 219 -8.70 -7.07 -14.02
C GLU D 219 -7.68 -6.86 -15.13
N ARG D 220 -7.65 -5.66 -15.72
CA ARG D 220 -6.76 -5.44 -16.86
C ARG D 220 -5.29 -5.45 -16.46
N ILE D 221 -4.92 -4.85 -15.33
CA ILE D 221 -3.50 -4.86 -14.96
C ILE D 221 -3.03 -6.28 -14.70
N VAL D 222 -3.84 -7.06 -13.99
CA VAL D 222 -3.47 -8.44 -13.71
C VAL D 222 -3.34 -9.26 -15.00
N ASP D 223 -4.25 -9.02 -15.95
CA ASP D 223 -4.20 -9.75 -17.21
C ASP D 223 -2.99 -9.35 -18.04
N ILE D 224 -2.69 -8.05 -18.10
CA ILE D 224 -1.53 -7.58 -18.87
C ILE D 224 -0.25 -8.18 -18.31
N ILE D 225 -0.09 -8.16 -16.98
CA ILE D 225 1.16 -8.60 -16.38
C ILE D 225 1.28 -10.12 -16.43
N ALA D 226 0.17 -10.83 -16.22
CA ALA D 226 0.20 -12.29 -16.28
C ALA D 226 0.53 -12.78 -17.68
N THR D 227 -0.03 -12.15 -18.71
CA THR D 227 0.30 -12.51 -20.09
C THR D 227 1.80 -12.43 -20.33
N ASP D 228 2.43 -11.37 -19.85
CA ASP D 228 3.87 -11.21 -19.99
C ASP D 228 4.62 -12.32 -19.26
N ILE D 229 4.16 -12.70 -18.07
CA ILE D 229 4.81 -13.77 -17.31
C ILE D 229 4.63 -15.11 -18.01
N GLN D 230 3.39 -15.40 -18.43
CA GLN D 230 3.06 -16.72 -18.98
C GLN D 230 3.68 -16.97 -20.34
N THR D 231 4.07 -15.92 -21.06
CA THR D 231 4.65 -16.08 -22.39
C THR D 231 6.15 -15.82 -22.36
N LYS D 232 6.72 -15.67 -21.17
CA LYS D 232 8.15 -15.40 -20.93
C LYS D 232 8.69 -14.30 -21.83
#